data_5D9G
#
_entry.id   5D9G
#
_cell.length_a   145.307
_cell.length_b   145.307
_cell.length_c   95.950
_cell.angle_alpha   90.000
_cell.angle_beta   90.000
_cell.angle_gamma   120.000
#
_symmetry.space_group_name_H-M   'P 65'
#
loop_
_entity.id
_entity.type
_entity.pdbx_description
1 polymer 'TIP41-like protein'
2 polymer 'oligo peptide'
3 non-polymer 'CHLORIDE ION'
4 non-polymer 'PHOSPHATE ION'
5 non-polymer 'NICKEL (II) ION'
6 water water
#
loop_
_entity_poly.entity_id
_entity_poly.type
_entity_poly.pdbx_seq_one_letter_code
_entity_poly.pdbx_strand_id
1 'polypeptide(L)'
;GH(MSE)ASGPWKLTASKTHI(MSE)KSADVEKLADELH(MSE)PSLPE(MSE)(MSE)FGDNVLRIQHGSGFGIEFNAT
DALRCVNNYQG(MSE)LKVACAEEWQESRTEGEHSKEVIKPYDWTYTTDYKGTLLGESLKLKVVPTTDHIDTEKLKAREQ
IKFFEEVLLFEDELHDHGVSSLSVKIRV(MSE)PSSFFLLLRFFLRIDGVLIR(MSE)NDTRLYHEADKTY(MSE)LREY
TSRESKISSL(MSE)HVPPSLFTEPNEISQYLPIKEAVCEKLIFPE
;
A,B
2 'polypeptide(L)' ENLYFQ C,D
#
# COMPACT_ATOMS: atom_id res chain seq x y z
N GLY A 1 -5.52 3.44 2.36
N GLY A 1 -5.82 1.63 4.41
CA GLY A 1 -6.06 3.14 3.68
CA GLY A 1 -6.08 3.01 4.04
C GLY A 1 -7.54 3.45 3.77
C GLY A 1 -7.56 3.34 4.08
N HIS A 2 -7.87 4.61 4.33
CA HIS A 2 -9.25 5.06 4.44
C HIS A 2 -9.43 6.44 3.82
N ALA A 4 -12.64 9.28 2.99
CA ALA A 4 -14.05 9.59 3.20
C ALA A 4 -14.50 10.84 2.46
N SER A 5 -15.74 10.83 2.00
CA SER A 5 -16.34 11.96 1.31
C SER A 5 -17.86 11.86 1.38
N GLY A 6 -18.45 12.49 2.40
CA GLY A 6 -19.88 12.41 2.61
C GLY A 6 -20.30 11.02 3.08
N PRO A 7 -21.26 10.41 2.37
CA PRO A 7 -21.75 9.07 2.71
C PRO A 7 -20.85 7.96 2.16
N TRP A 8 -19.90 8.32 1.30
CA TRP A 8 -19.00 7.33 0.70
C TRP A 8 -17.75 7.11 1.53
N LYS A 9 -17.43 5.84 1.77
CA LYS A 9 -16.21 5.47 2.47
C LYS A 9 -15.37 4.54 1.60
N LEU A 10 -14.17 4.97 1.24
CA LEU A 10 -13.27 4.16 0.44
C LEU A 10 -12.22 3.49 1.31
N THR A 11 -12.07 2.18 1.16
CA THR A 11 -11.10 1.42 1.94
C THR A 11 -10.16 0.67 1.01
N ALA A 12 -8.87 0.77 1.29
CA ALA A 12 -7.86 0.05 0.53
C ALA A 12 -6.90 -0.68 1.46
N SER A 13 -6.84 -2.00 1.34
CA SER A 13 -5.92 -2.79 2.14
C SER A 13 -4.78 -3.32 1.28
N LYS A 14 -3.55 -3.07 1.71
CA LYS A 14 -2.37 -3.60 1.04
C LYS A 14 -1.46 -4.30 2.04
N THR A 15 -1.36 -5.62 1.93
CA THR A 15 -0.50 -6.38 2.83
C THR A 15 0.30 -7.41 2.06
N HIS A 16 0.98 -8.29 2.79
CA HIS A 16 1.82 -9.33 2.19
C HIS A 16 0.97 -10.43 1.55
N ILE A 17 1.61 -11.25 0.72
CA ILE A 17 0.92 -12.34 0.05
C ILE A 17 0.53 -13.42 1.04
N LYS A 19 0.24 -16.93 2.95
CA LYS A 19 1.23 -17.95 3.30
C LYS A 19 0.83 -19.32 2.74
N SER A 20 1.81 -20.22 2.65
CA SER A 20 1.63 -21.52 2.02
C SER A 20 0.48 -22.33 2.60
N ALA A 21 0.38 -22.35 3.93
CA ALA A 21 -0.65 -23.13 4.60
C ALA A 21 -2.05 -22.70 4.21
N ASP A 22 -2.25 -21.38 4.09
CA ASP A 22 -3.55 -20.83 3.75
C ASP A 22 -3.82 -20.94 2.25
N VAL A 23 -2.75 -20.98 1.45
CA VAL A 23 -2.88 -21.13 0.01
C VAL A 23 -3.42 -22.51 -0.36
N GLU A 24 -2.80 -23.55 0.19
CA GLU A 24 -3.23 -24.92 -0.08
C GLU A 24 -4.66 -25.17 0.40
N LYS A 25 -5.02 -24.57 1.53
CA LYS A 25 -6.36 -24.72 2.06
C LYS A 25 -7.39 -24.09 1.13
N LEU A 26 -7.15 -22.84 0.75
CA LEU A 26 -8.06 -22.12 -0.13
C LEU A 26 -8.15 -22.78 -1.50
N ALA A 27 -7.02 -23.25 -2.00
CA ALA A 27 -6.97 -23.93 -3.29
C ALA A 27 -7.85 -25.17 -3.30
N ASP A 28 -7.85 -25.89 -2.18
CA ASP A 28 -8.69 -27.08 -2.05
CA ASP A 28 -8.68 -27.08 -2.04
C ASP A 28 -10.17 -26.71 -2.04
N GLU A 29 -10.49 -25.60 -1.38
CA GLU A 29 -11.87 -25.12 -1.32
C GLU A 29 -12.40 -24.79 -2.72
N LEU A 30 -11.57 -24.11 -3.50
CA LEU A 30 -11.95 -23.67 -4.84
C LEU A 30 -11.73 -24.74 -5.89
N HIS A 31 -11.31 -25.92 -5.45
CA HIS A 31 -11.03 -27.06 -6.32
C HIS A 31 -10.02 -26.67 -7.41
N PRO A 33 -5.65 -26.62 -8.33
CA PRO A 33 -4.37 -27.23 -7.97
C PRO A 33 -3.52 -26.29 -7.12
N SER A 34 -3.60 -24.99 -7.39
CA SER A 34 -2.87 -24.00 -6.63
C SER A 34 -3.46 -22.60 -6.85
N LEU A 35 -2.88 -21.62 -6.17
CA LEU A 35 -3.26 -20.23 -6.33
C LEU A 35 -2.13 -19.49 -7.04
N PRO A 36 -2.39 -18.28 -7.55
CA PRO A 36 -1.30 -17.48 -8.12
C PRO A 36 -0.15 -17.33 -7.13
N GLU A 37 1.09 -17.38 -7.61
CA GLU A 37 2.28 -17.25 -6.76
C GLU A 37 2.12 -16.12 -5.75
N PHE A 40 -2.64 -11.97 -2.94
CA PHE A 40 -2.93 -10.96 -1.92
C PHE A 40 -4.35 -11.13 -1.39
N GLY A 41 -4.55 -12.16 -0.58
CA GLY A 41 -5.88 -12.50 -0.08
C GLY A 41 -6.45 -11.50 0.92
N ASP A 42 -5.58 -10.71 1.54
CA ASP A 42 -6.03 -9.72 2.50
C ASP A 42 -6.15 -8.33 1.88
N ASN A 43 -5.80 -8.23 0.60
CA ASN A 43 -5.94 -6.96 -0.11
C ASN A 43 -7.39 -6.72 -0.53
N VAL A 44 -7.75 -5.45 -0.65
CA VAL A 44 -9.10 -5.09 -1.08
C VAL A 44 -9.15 -3.62 -1.51
N LEU A 45 -10.05 -3.33 -2.44
CA LEU A 45 -10.48 -1.96 -2.69
C LEU A 45 -11.98 -1.95 -2.51
N ARG A 46 -12.47 -1.12 -1.59
CA ARG A 46 -13.87 -1.17 -1.19
C ARG A 46 -14.54 0.19 -1.24
N ILE A 47 -15.71 0.22 -1.88
CA ILE A 47 -16.53 1.42 -1.93
C ILE A 47 -17.82 1.14 -1.19
N GLN A 48 -18.11 1.94 -0.16
CA GLN A 48 -19.26 1.67 0.69
C GLN A 48 -20.05 2.92 1.01
N HIS A 49 -21.36 2.83 0.87
CA HIS A 49 -22.27 3.92 1.21
C HIS A 49 -22.67 3.80 2.68
N GLY A 50 -23.03 4.91 3.30
CA GLY A 50 -23.42 4.93 4.69
C GLY A 50 -24.63 4.04 4.98
N SER A 51 -25.45 3.84 3.96
CA SER A 51 -26.64 3.00 4.09
C SER A 51 -26.26 1.54 4.34
N GLY A 52 -25.08 1.15 3.90
CA GLY A 52 -24.61 -0.20 4.08
C GLY A 52 -24.23 -0.86 2.76
N PHE A 53 -24.93 -0.47 1.70
CA PHE A 53 -24.65 -1.05 0.38
C PHE A 53 -23.33 -0.53 -0.18
N GLY A 54 -22.76 -1.29 -1.10
CA GLY A 54 -21.52 -0.91 -1.73
C GLY A 54 -20.98 -2.01 -2.61
N ILE A 55 -19.71 -1.90 -2.97
CA ILE A 55 -19.06 -2.89 -3.81
C ILE A 55 -17.57 -2.94 -3.48
N GLU A 56 -17.00 -4.13 -3.50
CA GLU A 56 -15.57 -4.28 -3.25
C GLU A 56 -14.93 -5.23 -4.25
N PHE A 57 -13.61 -5.23 -4.28
CA PHE A 57 -12.86 -6.07 -5.20
C PHE A 57 -11.75 -6.81 -4.46
N ASN A 58 -11.86 -8.13 -4.38
CA ASN A 58 -10.84 -8.93 -3.72
C ASN A 58 -10.44 -10.14 -4.56
N ALA A 59 -9.31 -10.74 -4.21
CA ALA A 59 -8.71 -11.82 -5.00
C ALA A 59 -9.49 -13.13 -4.89
N THR A 60 -10.01 -13.42 -3.70
CA THR A 60 -10.70 -14.69 -3.48
C THR A 60 -11.96 -14.82 -4.33
N ASP A 61 -12.82 -13.80 -4.27
CA ASP A 61 -14.04 -13.80 -5.05
C ASP A 61 -13.74 -13.81 -6.55
N ALA A 62 -12.58 -13.26 -6.90
CA ALA A 62 -12.14 -13.26 -8.29
C ALA A 62 -11.78 -14.66 -8.75
N LEU A 63 -11.16 -15.43 -7.86
CA LEU A 63 -10.72 -16.78 -8.19
C LEU A 63 -11.90 -17.76 -8.27
N ARG A 64 -13.01 -17.40 -7.65
CA ARG A 64 -14.22 -18.22 -7.71
C ARG A 64 -14.81 -18.26 -9.12
N CYS A 65 -14.48 -17.25 -9.93
CA CYS A 65 -14.99 -17.15 -11.29
C CYS A 65 -14.14 -17.92 -12.28
N VAL A 66 -12.99 -18.39 -11.82
CA VAL A 66 -12.06 -19.13 -12.67
C VAL A 66 -12.52 -20.57 -12.86
N ASN A 67 -12.42 -21.08 -14.08
CA ASN A 67 -12.70 -22.48 -14.35
CA ASN A 67 -12.70 -22.48 -14.35
C ASN A 67 -11.82 -23.36 -13.47
N ASN A 68 -12.43 -24.15 -12.61
CA ASN A 68 -11.66 -25.00 -11.72
C ASN A 68 -11.28 -26.32 -12.35
N TYR A 69 -10.62 -27.17 -11.57
CA TYR A 69 -10.04 -28.42 -12.06
C TYR A 69 -11.13 -29.41 -12.48
N GLN A 70 -10.97 -29.98 -13.68
CA GLN A 70 -11.96 -30.90 -14.22
C GLN A 70 -11.42 -32.31 -14.39
N GLY A 71 -10.09 -32.44 -14.33
CA GLY A 71 -9.45 -33.73 -14.49
C GLY A 71 -9.18 -34.07 -15.94
N LEU A 73 -6.67 -32.45 -17.70
CA LEU A 73 -5.24 -32.23 -17.93
C LEU A 73 -4.42 -33.50 -17.88
N LYS A 74 -4.99 -34.55 -17.28
CA LYS A 74 -4.35 -35.87 -17.28
C LYS A 74 -4.22 -36.39 -18.71
N VAL A 75 -5.15 -35.99 -19.56
CA VAL A 75 -5.14 -36.39 -20.97
C VAL A 75 -4.31 -35.42 -21.80
N ALA A 76 -4.44 -34.13 -21.49
CA ALA A 76 -3.77 -33.08 -22.26
C ALA A 76 -2.28 -32.95 -21.95
N CYS A 77 -1.88 -33.32 -20.74
CA CYS A 77 -0.49 -33.16 -20.32
C CYS A 77 0.23 -34.49 -20.12
N ALA A 78 1.50 -34.52 -20.49
CA ALA A 78 2.34 -35.67 -20.17
C ALA A 78 2.65 -35.67 -18.69
N GLU A 79 2.73 -34.46 -18.12
CA GLU A 79 2.97 -34.30 -16.69
C GLU A 79 2.39 -32.97 -16.21
N GLU A 80 1.76 -32.98 -15.05
CA GLU A 80 1.12 -31.78 -14.51
C GLU A 80 2.00 -31.10 -13.47
N TRP A 81 1.82 -29.80 -13.31
CA TRP A 81 2.51 -29.06 -12.25
C TRP A 81 2.07 -29.59 -10.89
N GLN A 82 0.77 -29.56 -10.65
CA GLN A 82 0.17 -30.13 -9.46
C GLN A 82 -1.17 -30.78 -9.79
N GLU A 83 -1.57 -31.75 -8.97
CA GLU A 83 -2.90 -32.35 -9.11
C GLU A 83 -3.91 -31.58 -8.26
N SER A 84 -5.18 -31.96 -8.36
CA SER A 84 -6.22 -31.32 -7.56
C SER A 84 -7.41 -32.25 -7.37
N ARG A 85 -8.10 -32.09 -6.24
CA ARG A 85 -9.37 -32.76 -6.04
C ARG A 85 -10.38 -32.20 -7.03
N THR A 86 -10.88 -33.05 -7.91
CA THR A 86 -11.76 -32.59 -8.98
C THR A 86 -13.04 -31.99 -8.42
N GLU A 87 -13.45 -30.88 -9.01
CA GLU A 87 -14.63 -30.15 -8.58
C GLU A 87 -15.90 -30.97 -8.78
N GLY A 88 -16.80 -30.93 -7.79
CA GLY A 88 -18.07 -31.62 -7.87
C GLY A 88 -18.82 -31.28 -9.13
N GLU A 89 -19.58 -30.18 -9.11
CA GLU A 89 -20.13 -29.59 -10.32
C GLU A 89 -21.10 -30.63 -11.00
N HIS A 90 -21.57 -30.47 -12.25
CA HIS A 90 -21.24 -29.41 -13.21
C HIS A 90 -22.45 -28.61 -13.65
N SER A 91 -22.18 -27.39 -14.12
CA SER A 91 -23.19 -26.56 -14.73
C SER A 91 -23.60 -27.14 -16.07
N LYS A 92 -24.59 -26.53 -16.71
CA LYS A 92 -25.02 -26.96 -18.03
C LYS A 92 -24.00 -26.56 -19.09
N GLU A 93 -23.00 -25.78 -18.67
CA GLU A 93 -21.94 -25.35 -19.57
C GLU A 93 -21.06 -26.52 -19.99
N VAL A 94 -20.44 -26.39 -21.16
CA VAL A 94 -19.53 -27.42 -21.67
C VAL A 94 -18.29 -27.49 -20.78
N ILE A 95 -17.90 -28.72 -20.41
CA ILE A 95 -16.71 -28.92 -19.60
C ILE A 95 -15.45 -28.54 -20.37
N LYS A 96 -14.65 -27.64 -19.79
CA LYS A 96 -13.39 -27.24 -20.40
C LYS A 96 -12.24 -27.46 -19.42
N PRO A 97 -11.06 -27.79 -19.95
CA PRO A 97 -9.91 -28.10 -19.09
C PRO A 97 -9.42 -26.90 -18.28
N TYR A 98 -8.90 -27.18 -17.09
CA TYR A 98 -8.19 -26.17 -16.31
C TYR A 98 -6.94 -25.77 -17.08
N ASP A 99 -6.60 -24.48 -17.11
CA ASP A 99 -5.50 -24.03 -17.95
C ASP A 99 -4.40 -23.25 -17.22
N TRP A 100 -4.50 -23.18 -15.89
CA TRP A 100 -3.46 -22.55 -15.07
C TRP A 100 -3.23 -21.08 -15.40
N THR A 101 -4.24 -20.43 -15.94
CA THR A 101 -4.07 -19.08 -16.44
C THR A 101 -4.80 -18.06 -15.55
N TYR A 102 -5.65 -18.58 -14.66
CA TYR A 102 -6.42 -17.77 -13.71
C TYR A 102 -7.28 -16.69 -14.38
N THR A 103 -7.70 -16.93 -15.62
CA THR A 103 -8.60 -16.02 -16.30
C THR A 103 -9.91 -15.89 -15.54
N THR A 104 -10.31 -14.66 -15.24
CA THR A 104 -11.51 -14.42 -14.45
C THR A 104 -12.36 -13.30 -15.03
N ASP A 105 -13.67 -13.50 -15.04
CA ASP A 105 -14.61 -12.49 -15.51
C ASP A 105 -15.30 -11.82 -14.33
N TYR A 106 -14.64 -11.88 -13.18
CA TYR A 106 -15.07 -11.21 -11.95
C TYR A 106 -15.33 -9.73 -12.19
N LYS A 107 -16.44 -9.22 -11.65
CA LYS A 107 -16.82 -7.84 -11.86
C LYS A 107 -17.04 -7.10 -10.53
N GLY A 108 -16.54 -7.69 -9.46
CA GLY A 108 -16.67 -7.10 -8.14
C GLY A 108 -17.68 -7.80 -7.27
N THR A 109 -17.55 -7.61 -5.96
CA THR A 109 -18.46 -8.23 -5.00
C THR A 109 -19.41 -7.20 -4.41
N LEU A 110 -20.70 -7.46 -4.51
CA LEU A 110 -21.71 -6.54 -3.98
C LEU A 110 -21.82 -6.65 -2.47
N LEU A 111 -21.87 -5.51 -1.80
CA LEU A 111 -21.92 -5.47 -0.34
C LEU A 111 -23.28 -5.02 0.17
N GLY A 112 -23.57 -5.35 1.43
CA GLY A 112 -24.81 -4.94 2.05
C GLY A 112 -25.43 -6.03 2.91
N GLU A 113 -25.72 -5.68 4.16
CA GLU A 113 -26.37 -6.61 5.08
C GLU A 113 -27.78 -6.93 4.58
N SER A 114 -28.55 -5.88 4.34
CA SER A 114 -29.90 -6.02 3.79
C SER A 114 -30.02 -5.24 2.49
N LEU A 115 -29.75 -3.95 2.55
CA LEU A 115 -29.77 -3.10 1.36
C LEU A 115 -28.61 -3.45 0.44
N LYS A 116 -28.87 -3.49 -0.86
CA LYS A 116 -27.89 -3.95 -1.83
C LYS A 116 -28.12 -3.35 -3.20
N LEU A 117 -27.04 -3.16 -3.95
CA LEU A 117 -27.14 -2.67 -5.33
C LEU A 117 -27.83 -3.71 -6.21
N LYS A 118 -28.73 -3.26 -7.07
CA LYS A 118 -29.41 -4.16 -7.99
C LYS A 118 -28.81 -4.06 -9.38
N VAL A 119 -28.34 -5.19 -9.90
CA VAL A 119 -27.75 -5.24 -11.23
C VAL A 119 -28.81 -5.39 -12.31
N VAL A 120 -28.93 -4.36 -13.16
CA VAL A 120 -29.89 -4.38 -14.25
C VAL A 120 -29.22 -4.05 -15.59
N PRO A 121 -29.75 -4.61 -16.69
CA PRO A 121 -29.21 -4.30 -18.02
C PRO A 121 -29.43 -2.84 -18.40
N THR A 122 -28.61 -2.32 -19.30
CA THR A 122 -28.75 -0.94 -19.76
C THR A 122 -28.18 -0.75 -21.16
N THR A 123 -28.73 0.21 -21.89
CA THR A 123 -28.22 0.56 -23.21
C THR A 123 -27.17 1.67 -23.10
N ASP A 124 -27.04 2.21 -21.90
CA ASP A 124 -26.07 3.26 -21.63
C ASP A 124 -24.63 2.74 -21.74
N HIS A 125 -23.72 3.63 -22.07
CA HIS A 125 -22.30 3.36 -22.00
C HIS A 125 -21.65 4.40 -21.11
N ILE A 126 -20.48 4.08 -20.56
CA ILE A 126 -19.73 5.06 -19.80
C ILE A 126 -19.19 6.13 -20.76
N ASP A 127 -19.70 7.35 -20.61
CA ASP A 127 -19.35 8.44 -21.51
C ASP A 127 -17.89 8.85 -21.36
N THR A 128 -17.11 8.62 -22.41
CA THR A 128 -15.67 8.91 -22.38
C THR A 128 -15.39 10.40 -22.39
N GLU A 129 -16.37 11.19 -22.81
CA GLU A 129 -16.25 12.64 -22.75
C GLU A 129 -16.18 13.10 -21.30
N LYS A 130 -16.86 12.37 -20.42
CA LYS A 130 -16.81 12.64 -18.99
C LYS A 130 -15.52 12.11 -18.38
N LEU A 131 -15.04 10.99 -18.92
CA LEU A 131 -13.78 10.40 -18.47
C LEU A 131 -12.59 11.28 -18.86
N LYS A 132 -12.63 11.81 -20.07
CA LYS A 132 -11.56 12.65 -20.58
C LYS A 132 -11.54 14.01 -19.90
N ALA A 133 -12.68 14.40 -19.34
CA ALA A 133 -12.80 15.66 -18.61
C ALA A 133 -11.82 15.70 -17.46
N ARG A 134 -11.11 16.82 -17.32
CA ARG A 134 -10.04 16.91 -16.33
C ARG A 134 -10.35 17.85 -15.17
N GLU A 135 -11.06 17.34 -14.18
CA GLU A 135 -11.14 18.00 -12.88
C GLU A 135 -9.96 17.51 -12.05
N GLN A 136 -9.73 18.11 -10.90
CA GLN A 136 -8.65 17.65 -10.03
C GLN A 136 -9.02 16.31 -9.41
N ILE A 137 -8.09 15.37 -9.48
CA ILE A 137 -8.28 14.08 -8.81
C ILE A 137 -8.09 14.23 -7.32
N LYS A 138 -9.17 14.16 -6.57
CA LYS A 138 -9.12 14.31 -5.12
C LYS A 138 -8.44 13.11 -4.48
N PHE A 139 -8.79 11.92 -4.96
CA PHE A 139 -8.24 10.68 -4.41
CA PHE A 139 -8.21 10.69 -4.42
C PHE A 139 -7.90 9.69 -5.53
N PHE A 140 -6.75 9.04 -5.41
CA PHE A 140 -6.35 7.99 -6.33
C PHE A 140 -5.70 6.86 -5.55
N GLU A 141 -6.04 5.62 -5.91
CA GLU A 141 -5.47 4.45 -5.26
C GLU A 141 -5.43 3.27 -6.22
N GLU A 142 -4.37 2.47 -6.12
CA GLU A 142 -4.25 1.26 -6.92
C GLU A 142 -3.90 0.07 -6.04
N VAL A 143 -4.65 -1.02 -6.18
CA VAL A 143 -4.44 -2.20 -5.36
C VAL A 143 -4.22 -3.45 -6.21
N LEU A 144 -3.15 -4.18 -5.92
CA LEU A 144 -2.88 -5.44 -6.59
C LEU A 144 -3.60 -6.58 -5.87
N LEU A 145 -4.25 -7.46 -6.63
CA LEU A 145 -5.01 -8.54 -6.03
C LEU A 145 -4.30 -9.89 -6.14
N PHE A 146 -3.88 -10.26 -7.34
CA PHE A 146 -2.95 -11.38 -7.47
C PHE A 146 -2.05 -11.22 -8.69
N GLU A 147 -0.94 -11.95 -8.67
CA GLU A 147 -0.05 -12.03 -9.83
C GLU A 147 0.61 -13.40 -9.89
N ASP A 148 0.76 -13.90 -11.10
CA ASP A 148 1.43 -15.18 -11.34
C ASP A 148 2.27 -15.04 -12.60
N GLU A 149 3.39 -15.76 -12.66
CA GLU A 149 4.26 -15.65 -13.82
C GLU A 149 4.23 -16.91 -14.69
N LEU A 150 3.20 -17.73 -14.48
CA LEU A 150 2.91 -18.87 -15.35
C LEU A 150 4.11 -19.79 -15.56
N HIS A 151 4.83 -20.07 -14.47
CA HIS A 151 6.05 -20.87 -14.54
C HIS A 151 7.01 -20.31 -15.58
N ASP A 152 7.22 -19.00 -15.53
CA ASP A 152 8.12 -18.27 -16.41
C ASP A 152 7.73 -18.37 -17.88
N HIS A 153 6.43 -18.35 -18.16
CA HIS A 153 5.96 -18.34 -19.54
C HIS A 153 5.20 -17.06 -19.87
N GLY A 154 5.10 -16.15 -18.90
CA GLY A 154 4.42 -14.89 -19.09
C GLY A 154 3.95 -14.29 -17.79
N VAL A 155 2.74 -13.73 -17.80
CA VAL A 155 2.20 -13.11 -16.60
C VAL A 155 0.67 -13.16 -16.57
N SER A 156 0.13 -13.41 -15.38
CA SER A 156 -1.30 -13.29 -15.14
C SER A 156 -1.50 -12.42 -13.91
N SER A 157 -2.20 -11.30 -14.06
CA SER A 157 -2.34 -10.38 -12.94
C SER A 157 -3.73 -9.76 -12.88
N LEU A 158 -4.16 -9.49 -11.65
CA LEU A 158 -5.42 -8.80 -11.41
C LEU A 158 -5.18 -7.63 -10.46
N SER A 159 -5.54 -6.43 -10.92
CA SER A 159 -5.38 -5.24 -10.10
C SER A 159 -6.59 -4.33 -10.27
N VAL A 160 -6.78 -3.41 -9.33
CA VAL A 160 -7.90 -2.49 -9.41
C VAL A 160 -7.44 -1.10 -8.94
N LYS A 161 -7.95 -0.06 -9.60
CA LYS A 161 -7.60 1.31 -9.22
C LYS A 161 -8.79 2.25 -9.39
N ILE A 162 -8.70 3.41 -8.76
CA ILE A 162 -9.83 4.34 -8.74
C ILE A 162 -9.42 5.81 -8.76
N ARG A 163 -10.14 6.59 -9.55
CA ARG A 163 -10.04 8.05 -9.58
C ARG A 163 -11.23 8.65 -8.86
N VAL A 164 -11.01 9.50 -7.88
CA VAL A 164 -12.12 10.22 -7.26
C VAL A 164 -12.05 11.71 -7.58
N PRO A 166 -14.25 15.64 -7.75
CA PRO A 166 -15.17 16.38 -6.88
C PRO A 166 -16.62 15.90 -6.91
N SER A 167 -17.10 15.48 -8.08
CA SER A 167 -18.50 15.08 -8.22
C SER A 167 -18.68 13.79 -8.99
N SER A 168 -17.64 12.95 -8.99
CA SER A 168 -17.70 11.65 -9.65
C SER A 168 -16.53 10.78 -9.26
N PHE A 169 -16.63 9.48 -9.55
CA PHE A 169 -15.45 8.62 -9.46
C PHE A 169 -15.45 7.58 -10.58
N PHE A 170 -14.26 7.10 -10.91
CA PHE A 170 -14.08 6.13 -11.98
C PHE A 170 -13.13 5.03 -11.53
N LEU A 171 -13.57 3.78 -11.65
CA LEU A 171 -12.77 2.64 -11.22
C LEU A 171 -12.54 1.66 -12.37
N LEU A 172 -11.35 1.06 -12.39
CA LEU A 172 -11.01 0.06 -13.40
C LEU A 172 -10.42 -1.19 -12.76
N LEU A 173 -11.15 -2.29 -12.85
CA LEU A 173 -10.63 -3.60 -12.50
C LEU A 173 -10.07 -4.24 -13.75
N ARG A 174 -8.80 -4.60 -13.74
CA ARG A 174 -8.18 -5.17 -14.94
C ARG A 174 -7.52 -6.51 -14.70
N PHE A 175 -7.99 -7.53 -15.40
CA PHE A 175 -7.26 -8.78 -15.49
C PHE A 175 -6.41 -8.77 -16.75
N PHE A 176 -5.11 -8.94 -16.59
CA PHE A 176 -4.19 -8.94 -17.72
C PHE A 176 -3.46 -10.26 -17.82
N LEU A 177 -3.49 -10.86 -19.01
CA LEU A 177 -2.84 -12.13 -19.24
C LEU A 177 -1.97 -12.10 -20.49
N ARG A 178 -0.69 -12.39 -20.33
CA ARG A 178 0.19 -12.57 -21.47
C ARG A 178 0.91 -13.91 -21.39
N ILE A 179 0.66 -14.76 -22.39
CA ILE A 179 1.46 -15.95 -22.57
C ILE A 179 2.45 -15.64 -23.68
N ASP A 180 3.73 -15.57 -23.32
CA ASP A 180 4.78 -15.11 -24.25
C ASP A 180 4.78 -15.92 -25.53
N GLY A 181 4.74 -15.22 -26.66
CA GLY A 181 4.77 -15.84 -27.97
C GLY A 181 3.46 -16.51 -28.36
N VAL A 182 2.44 -16.39 -27.52
CA VAL A 182 1.19 -17.11 -27.74
C VAL A 182 -0.03 -16.18 -27.84
N LEU A 183 -0.38 -15.51 -26.75
CA LEU A 183 -1.56 -14.67 -26.74
C LEU A 183 -1.53 -13.58 -25.67
N ILE A 184 -2.38 -12.58 -25.84
CA ILE A 184 -2.63 -11.56 -24.84
C ILE A 184 -4.13 -11.45 -24.60
N ARG A 185 -4.54 -11.50 -23.34
CA ARG A 185 -5.95 -11.41 -22.98
C ARG A 185 -6.17 -10.35 -21.90
N ASN A 187 -9.33 -8.55 -19.51
CA ASN A 187 -10.70 -8.38 -19.06
C ASN A 187 -10.82 -7.14 -18.19
N ASP A 188 -11.53 -6.12 -18.69
CA ASP A 188 -11.68 -4.86 -17.98
C ASP A 188 -13.08 -4.68 -17.42
N THR A 189 -13.15 -4.30 -16.14
CA THR A 189 -14.41 -3.90 -15.54
C THR A 189 -14.33 -2.43 -15.14
N ARG A 190 -15.10 -1.59 -15.81
CA ARG A 190 -15.09 -0.16 -15.53
C ARG A 190 -16.34 0.24 -14.74
N LEU A 191 -16.14 1.02 -13.68
CA LEU A 191 -17.21 1.43 -12.80
C LEU A 191 -17.24 2.95 -12.69
N TYR A 192 -18.37 3.55 -13.04
CA TYR A 192 -18.49 5.00 -13.05
C TYR A 192 -19.73 5.48 -12.28
N HIS A 193 -19.59 6.61 -11.59
CA HIS A 193 -20.71 7.18 -10.86
C HIS A 193 -20.63 8.71 -10.82
N GLU A 194 -21.77 9.36 -11.06
CA GLU A 194 -21.90 10.80 -10.89
C GLU A 194 -22.66 11.10 -9.61
N ALA A 195 -22.27 12.18 -8.92
CA ALA A 195 -22.77 12.49 -7.58
C ALA A 195 -24.30 12.54 -7.50
N ASP A 196 -24.93 13.14 -8.50
CA ASP A 196 -26.39 13.32 -8.49
C ASP A 196 -27.14 12.01 -8.71
N LYS A 197 -26.61 11.15 -9.57
CA LYS A 197 -27.30 9.93 -9.98
C LYS A 197 -27.55 8.96 -8.83
N THR A 198 -28.56 8.13 -8.99
CA THR A 198 -28.89 7.10 -8.01
C THR A 198 -28.52 5.72 -8.54
N TYR A 199 -27.43 5.67 -9.31
CA TYR A 199 -26.96 4.43 -9.90
C TYR A 199 -25.49 4.54 -10.31
N LEU A 201 -22.68 3.01 -13.32
CA LEU A 201 -22.52 2.29 -14.56
C LEU A 201 -21.36 1.32 -14.44
N ARG A 202 -21.59 0.07 -14.83
CA ARG A 202 -20.51 -0.91 -14.84
C ARG A 202 -20.37 -1.53 -16.23
N GLU A 203 -19.26 -1.23 -16.89
CA GLU A 203 -19.03 -1.71 -18.24
C GLU A 203 -17.90 -2.73 -18.26
N TYR A 204 -18.23 -3.93 -18.71
CA TYR A 204 -17.27 -5.03 -18.80
C TYR A 204 -16.87 -5.30 -20.25
N THR A 205 -15.58 -5.43 -20.50
CA THR A 205 -15.09 -5.81 -21.82
C THR A 205 -14.04 -6.90 -21.70
N SER A 206 -14.14 -7.90 -22.56
CA SER A 206 -13.14 -8.95 -22.65
C SER A 206 -12.46 -8.89 -24.00
N ARG A 207 -11.16 -8.61 -24.01
CA ARG A 207 -10.37 -8.54 -25.23
C ARG A 207 -9.33 -9.65 -25.25
N GLU A 208 -9.01 -10.14 -26.44
CA GLU A 208 -7.92 -11.11 -26.58
C GLU A 208 -7.45 -11.20 -28.01
N SER A 209 -6.18 -11.58 -28.19
CA SER A 209 -5.60 -11.78 -29.50
C SER A 209 -4.39 -12.69 -29.43
N LYS A 210 -4.22 -13.53 -30.45
CA LYS A 210 -2.99 -14.30 -30.58
C LYS A 210 -1.86 -13.33 -30.90
N ILE A 211 -0.68 -13.60 -30.36
CA ILE A 211 0.46 -12.71 -30.56
C ILE A 211 0.87 -12.70 -32.03
N SER A 212 0.61 -13.80 -32.73
CA SER A 212 0.89 -13.91 -34.16
C SER A 212 0.17 -12.83 -34.96
N SER A 213 -0.96 -12.37 -34.43
CA SER A 213 -1.74 -11.32 -35.08
C SER A 213 -1.33 -9.93 -34.58
N LEU A 214 -0.31 -9.89 -33.73
CA LEU A 214 0.16 -8.63 -33.15
C LEU A 214 1.60 -8.34 -33.55
N HIS A 216 2.85 -6.81 -36.03
CA HIS A 216 3.10 -5.49 -36.61
C HIS A 216 3.27 -4.46 -35.50
N VAL A 217 2.96 -4.86 -34.27
CA VAL A 217 3.05 -4.00 -33.10
C VAL A 217 4.42 -4.10 -32.47
N PRO A 218 5.00 -2.95 -32.05
CA PRO A 218 6.27 -2.97 -31.31
C PRO A 218 6.19 -3.88 -30.10
N PRO A 219 7.08 -4.88 -30.02
CA PRO A 219 7.08 -5.90 -28.96
C PRO A 219 7.09 -5.33 -27.56
N SER A 220 7.60 -4.11 -27.41
CA SER A 220 7.66 -3.45 -26.11
C SER A 220 6.26 -3.19 -25.55
N LEU A 221 5.27 -3.09 -26.44
CA LEU A 221 3.90 -2.83 -26.01
C LEU A 221 3.26 -4.03 -25.35
N PHE A 222 3.84 -5.22 -25.56
CA PHE A 222 3.29 -6.46 -25.02
C PHE A 222 3.35 -6.46 -23.49
N THR A 223 4.21 -5.64 -22.92
CA THR A 223 4.34 -5.55 -21.47
C THR A 223 3.66 -4.29 -20.94
N GLU A 224 2.85 -3.64 -21.78
CA GLU A 224 2.17 -2.41 -21.41
C GLU A 224 0.68 -2.50 -21.72
N PRO A 225 -0.13 -2.93 -20.74
CA PRO A 225 -1.57 -3.16 -20.89
C PRO A 225 -2.32 -1.97 -21.50
N ASN A 226 -2.04 -0.76 -21.02
CA ASN A 226 -2.72 0.43 -21.51
C ASN A 226 -2.48 0.69 -23.00
N GLU A 227 -1.31 0.28 -23.48
CA GLU A 227 -0.93 0.57 -24.86
C GLU A 227 -1.36 -0.53 -25.83
N ILE A 228 -1.38 -1.77 -25.35
CA ILE A 228 -1.66 -2.92 -26.22
C ILE A 228 -3.16 -3.14 -26.37
N SER A 229 -3.94 -2.60 -25.45
CA SER A 229 -5.38 -2.84 -25.38
C SER A 229 -6.11 -2.56 -26.70
N GLN A 230 -5.77 -1.44 -27.33
CA GLN A 230 -6.45 -1.01 -28.54
C GLN A 230 -6.26 -1.98 -29.71
N TYR A 231 -5.21 -2.80 -29.64
CA TYR A 231 -4.90 -3.74 -30.71
C TYR A 231 -5.62 -5.07 -30.53
N LEU A 232 -6.29 -5.23 -29.40
CA LEU A 232 -6.98 -6.48 -29.09
C LEU A 232 -8.47 -6.39 -29.43
N PRO A 233 -8.95 -7.33 -30.26
CA PRO A 233 -10.38 -7.39 -30.59
C PRO A 233 -11.24 -7.66 -29.36
N ILE A 234 -12.40 -7.02 -29.29
CA ILE A 234 -13.36 -7.25 -28.21
C ILE A 234 -14.22 -8.47 -28.54
N LYS A 235 -14.22 -9.45 -27.64
CA LYS A 235 -14.98 -10.68 -27.87
C LYS A 235 -16.20 -10.76 -26.96
N GLU A 236 -16.21 -9.92 -25.93
CA GLU A 236 -17.36 -9.84 -25.04
C GLU A 236 -17.46 -8.44 -24.45
N ALA A 237 -18.66 -7.88 -24.45
CA ALA A 237 -18.88 -6.55 -23.90
C ALA A 237 -20.26 -6.44 -23.28
N VAL A 238 -20.29 -6.08 -22.00
CA VAL A 238 -21.55 -5.95 -21.26
C VAL A 238 -21.58 -4.66 -20.46
N CYS A 239 -22.71 -3.96 -20.51
CA CYS A 239 -22.86 -2.77 -19.68
CA CYS A 239 -22.90 -2.75 -19.72
C CYS A 239 -24.12 -2.90 -18.81
N GLU A 240 -23.93 -2.66 -17.52
CA GLU A 240 -25.04 -2.80 -16.58
C GLU A 240 -25.15 -1.57 -15.68
N LYS A 241 -26.35 -1.34 -15.18
CA LYS A 241 -26.56 -0.31 -14.17
C LYS A 241 -26.62 -0.96 -12.79
N LEU A 242 -25.99 -0.33 -11.82
CA LEU A 242 -26.07 -0.78 -10.44
C LEU A 242 -26.96 0.19 -9.67
N ILE A 243 -28.24 -0.14 -9.58
CA ILE A 243 -29.23 0.77 -8.99
C ILE A 243 -29.12 0.83 -7.47
N PHE A 244 -29.14 2.04 -6.94
CA PHE A 244 -29.14 2.24 -5.49
C PHE A 244 -30.46 1.72 -4.92
N PRO A 245 -30.39 1.07 -3.75
CA PRO A 245 -31.62 0.61 -3.06
C PRO A 245 -32.45 1.80 -2.58
N GLU A 246 -33.74 1.57 -2.35
CA GLU A 246 -34.65 2.64 -1.92
C GLU A 246 -34.27 3.19 -0.55
N GLY B 1 -2.10 5.19 -1.11
CA GLY B 1 -3.09 6.16 -1.53
C GLY B 1 -2.49 7.49 -1.97
N HIS B 2 -3.18 8.16 -2.88
CA HIS B 2 -2.75 9.46 -3.36
C HIS B 2 -3.89 10.48 -3.23
N ALA B 4 -5.10 14.77 -3.42
CA ALA B 4 -4.82 16.13 -3.86
C ALA B 4 -5.87 17.11 -3.35
N SER B 5 -5.42 18.31 -2.99
CA SER B 5 -6.31 19.36 -2.52
C SER B 5 -5.68 20.72 -2.79
N GLY B 6 -6.07 21.33 -3.92
CA GLY B 6 -5.48 22.57 -4.34
C GLY B 6 -4.07 22.37 -4.84
N PRO B 7 -3.13 23.20 -4.37
CA PRO B 7 -1.72 23.09 -4.77
C PRO B 7 -0.98 21.99 -4.02
N TRP B 8 -1.68 21.28 -3.13
CA TRP B 8 -1.06 20.25 -2.32
C TRP B 8 -1.35 18.85 -2.82
N LYS B 9 -0.34 17.98 -2.71
CA LYS B 9 -0.48 16.58 -3.08
C LYS B 9 0.05 15.70 -1.95
N LEU B 10 -0.75 14.74 -1.53
CA LEU B 10 -0.35 13.79 -0.51
C LEU B 10 -0.18 12.40 -1.12
N THR B 11 1.02 11.85 -1.02
CA THR B 11 1.32 10.56 -1.61
C THR B 11 1.79 9.55 -0.57
N ALA B 12 1.14 8.39 -0.54
CA ALA B 12 1.56 7.30 0.33
C ALA B 12 1.72 6.02 -0.48
N SER B 13 2.97 5.58 -0.63
CA SER B 13 3.27 4.42 -1.46
C SER B 13 3.61 3.19 -0.62
N LYS B 14 2.97 2.07 -0.94
CA LYS B 14 3.26 0.81 -0.28
C LYS B 14 3.59 -0.27 -1.30
N THR B 15 4.81 -0.79 -1.26
CA THR B 15 5.20 -1.87 -2.15
C THR B 15 5.92 -2.98 -1.37
N HIS B 16 6.50 -3.92 -2.11
CA HIS B 16 7.14 -5.09 -1.50
C HIS B 16 8.48 -4.75 -0.87
N ILE B 17 9.08 -5.76 -0.24
CA ILE B 17 10.37 -5.61 0.41
C ILE B 17 11.48 -5.42 -0.62
N LYS B 19 14.76 -6.29 -2.55
CA LYS B 19 15.43 -7.55 -2.88
C LYS B 19 16.84 -7.59 -2.29
N SER B 20 17.37 -8.80 -2.14
CA SER B 20 18.67 -9.01 -1.50
C SER B 20 19.81 -8.30 -2.23
N ALA B 21 19.81 -8.39 -3.56
CA ALA B 21 20.86 -7.78 -4.37
C ALA B 21 20.94 -6.28 -4.16
N ASP B 22 19.79 -5.64 -4.00
CA ASP B 22 19.73 -4.20 -3.79
C ASP B 22 20.05 -3.82 -2.35
N VAL B 23 19.68 -4.69 -1.41
CA VAL B 23 19.99 -4.48 -0.01
C VAL B 23 21.50 -4.40 0.21
N GLU B 24 22.21 -5.36 -0.38
CA GLU B 24 23.66 -5.42 -0.28
C GLU B 24 24.30 -4.13 -0.80
N LYS B 25 23.84 -3.69 -1.97
CA LYS B 25 24.36 -2.49 -2.61
C LYS B 25 24.08 -1.23 -1.77
N LEU B 26 22.87 -1.10 -1.28
CA LEU B 26 22.47 0.07 -0.51
C LEU B 26 23.18 0.12 0.85
N ALA B 27 23.35 -1.05 1.46
CA ALA B 27 24.05 -1.14 2.73
C ALA B 27 25.49 -0.65 2.59
N ASP B 28 26.08 -0.93 1.43
CA ASP B 28 27.42 -0.44 1.11
C ASP B 28 27.44 1.08 1.06
N GLU B 29 26.50 1.66 0.32
CA GLU B 29 26.39 3.11 0.18
C GLU B 29 26.21 3.80 1.53
N LEU B 30 25.43 3.15 2.40
CA LEU B 30 25.13 3.71 3.71
C LEU B 30 26.23 3.36 4.73
N HIS B 31 27.21 2.58 4.29
CA HIS B 31 28.30 2.11 5.13
C HIS B 31 27.78 1.37 6.35
N PRO B 33 26.67 -2.73 7.77
CA PRO B 33 26.87 -4.16 7.51
C PRO B 33 25.66 -4.77 6.78
N SER B 34 24.48 -4.29 7.14
CA SER B 34 23.24 -4.77 6.52
C SER B 34 22.10 -3.78 6.78
N LEU B 35 20.97 -4.05 6.15
CA LEU B 35 19.77 -3.25 6.34
C LEU B 35 18.77 -4.07 7.17
N PRO B 36 17.76 -3.41 7.75
CA PRO B 36 16.72 -4.14 8.48
C PRO B 36 16.11 -5.25 7.62
N GLU B 37 15.81 -6.40 8.23
CA GLU B 37 15.26 -7.56 7.54
C GLU B 37 14.15 -7.16 6.59
N PHE B 40 11.57 -1.43 3.40
CA PHE B 40 10.62 -0.91 2.41
C PHE B 40 11.19 0.32 1.72
N GLY B 41 12.16 0.10 0.83
CA GLY B 41 12.88 1.17 0.19
C GLY B 41 12.08 2.03 -0.78
N ASP B 42 10.99 1.47 -1.29
CA ASP B 42 10.15 2.20 -2.23
C ASP B 42 8.89 2.74 -1.57
N ASN B 43 8.77 2.52 -0.26
CA ASN B 43 7.66 3.09 0.48
C ASN B 43 7.94 4.55 0.81
N VAL B 44 6.88 5.34 0.92
CA VAL B 44 7.02 6.76 1.20
C VAL B 44 5.69 7.36 1.66
N LEU B 45 5.79 8.36 2.53
CA LEU B 45 4.66 9.24 2.81
C LEU B 45 5.14 10.66 2.53
N ARG B 46 4.54 11.29 1.52
CA ARG B 46 5.03 12.57 1.03
C ARG B 46 3.96 13.65 1.02
N ILE B 47 4.30 14.82 1.57
CA ILE B 47 3.45 15.99 1.51
C ILE B 47 4.17 17.10 0.75
N GLN B 48 3.64 17.47 -0.40
CA GLN B 48 4.35 18.42 -1.26
C GLN B 48 3.43 19.47 -1.89
N HIS B 49 3.94 20.69 -1.96
CA HIS B 49 3.25 21.80 -2.60
C HIS B 49 3.59 21.82 -4.09
N GLY B 50 2.72 22.42 -4.90
CA GLY B 50 2.93 22.50 -6.33
C GLY B 50 4.22 23.20 -6.72
N SER B 51 4.63 24.16 -5.89
CA SER B 51 5.84 24.94 -6.14
C SER B 51 7.10 24.15 -5.80
N GLY B 52 6.92 23.01 -5.14
CA GLY B 52 8.04 22.11 -4.90
C GLY B 52 8.36 21.82 -3.44
N PHE B 53 8.16 22.80 -2.57
CA PHE B 53 8.53 22.63 -1.16
C PHE B 53 7.59 21.67 -0.45
N GLY B 54 8.08 21.07 0.63
CA GLY B 54 7.29 20.12 1.38
C GLY B 54 8.18 19.18 2.17
N ILE B 55 7.62 18.04 2.56
CA ILE B 55 8.34 17.09 3.40
C ILE B 55 7.88 15.67 3.10
N GLU B 56 8.81 14.72 3.16
CA GLU B 56 8.47 13.32 2.95
C GLU B 56 9.21 12.44 3.95
N PHE B 57 8.77 11.18 4.04
CA PHE B 57 9.37 10.24 4.97
C PHE B 57 9.66 8.92 4.27
N ASN B 58 10.94 8.58 4.13
CA ASN B 58 11.34 7.32 3.51
C ASN B 58 12.38 6.60 4.34
N ALA B 59 12.52 5.30 4.11
CA ALA B 59 13.39 4.46 4.94
C ALA B 59 14.87 4.76 4.74
N THR B 60 15.25 5.12 3.51
CA THR B 60 16.65 5.34 3.19
C THR B 60 17.23 6.55 3.92
N ASP B 61 16.52 7.68 3.85
CA ASP B 61 16.95 8.90 4.54
C ASP B 61 16.93 8.69 6.05
N ALA B 62 16.04 7.81 6.51
CA ALA B 62 15.96 7.48 7.91
C ALA B 62 17.22 6.76 8.37
N LEU B 63 17.73 5.87 7.51
CA LEU B 63 18.91 5.09 7.83
C LEU B 63 20.18 5.92 7.75
N ARG B 64 20.13 7.02 7.01
CA ARG B 64 21.27 7.93 6.92
C ARG B 64 21.56 8.57 8.27
N CYS B 65 20.52 8.72 9.09
CA CYS B 65 20.65 9.32 10.41
C CYS B 65 21.18 8.33 11.43
N VAL B 66 21.16 7.05 11.06
CA VAL B 66 21.69 5.99 11.92
C VAL B 66 23.21 6.05 11.98
N ASN B 67 23.76 5.93 13.18
CA ASN B 67 25.20 5.78 13.33
C ASN B 67 25.69 4.58 12.53
N ASN B 68 26.55 4.83 11.55
CA ASN B 68 27.01 3.75 10.67
C ASN B 68 28.25 3.05 11.20
N TYR B 69 28.70 2.04 10.47
CA TYR B 69 29.77 1.17 10.93
C TYR B 69 31.09 1.90 11.10
N GLN B 70 31.68 1.76 12.28
CA GLN B 70 32.92 2.46 12.60
C GLN B 70 34.10 1.50 12.69
N GLY B 71 33.81 0.22 12.93
CA GLY B 71 34.84 -0.79 13.07
C GLY B 71 35.20 -1.05 14.53
N LEU B 73 33.24 -2.63 16.62
CA LEU B 73 32.67 -3.92 17.00
C LEU B 73 33.69 -5.05 16.88
N LYS B 74 34.79 -4.77 16.19
CA LYS B 74 35.91 -5.71 16.14
C LYS B 74 36.47 -5.93 17.55
N VAL B 75 36.37 -4.89 18.37
CA VAL B 75 36.88 -4.93 19.73
C VAL B 75 35.80 -5.37 20.72
N ALA B 76 34.57 -4.92 20.49
CA ALA B 76 33.48 -5.19 21.42
C ALA B 76 32.90 -6.59 21.26
N CYS B 77 33.08 -7.21 20.10
CA CYS B 77 32.50 -8.51 19.82
C CYS B 77 33.53 -9.61 19.59
N ALA B 78 33.26 -10.78 20.14
CA ALA B 78 34.08 -11.96 19.85
C ALA B 78 33.87 -12.35 18.40
N GLU B 79 32.64 -12.16 17.93
CA GLU B 79 32.27 -12.47 16.55
C GLU B 79 31.14 -11.53 16.12
N GLU B 80 31.23 -11.03 14.88
CA GLU B 80 30.21 -10.12 14.36
C GLU B 80 29.22 -10.84 13.45
N TRP B 81 28.03 -10.29 13.33
CA TRP B 81 27.03 -10.83 12.41
C TRP B 81 27.55 -10.73 10.98
N GLN B 82 27.93 -9.51 10.58
CA GLN B 82 28.54 -9.26 9.29
C GLN B 82 29.61 -8.18 9.43
N GLU B 83 30.62 -8.24 8.57
CA GLU B 83 31.60 -7.17 8.49
C GLU B 83 31.07 -6.08 7.57
N SER B 84 31.72 -4.92 7.57
CA SER B 84 31.31 -3.82 6.72
C SER B 84 32.48 -2.94 6.32
N ARG B 85 32.35 -2.28 5.17
CA ARG B 85 33.31 -1.26 4.77
C ARG B 85 33.12 -0.06 5.70
N THR B 86 34.16 0.29 6.44
CA THR B 86 34.06 1.37 7.42
C THR B 86 33.80 2.71 6.72
N GLU B 87 32.91 3.50 7.30
CA GLU B 87 32.52 4.78 6.75
C GLU B 87 33.68 5.78 6.77
N GLY B 88 33.79 6.57 5.69
CA GLY B 88 34.80 7.61 5.60
C GLY B 88 34.76 8.54 6.80
N GLU B 89 33.89 9.54 6.76
CA GLU B 89 33.57 10.35 7.94
C GLU B 89 34.85 11.07 8.43
N HIS B 90 34.93 11.69 9.62
CA HIS B 90 33.92 11.74 10.68
C HIS B 90 33.46 13.15 11.03
N SER B 91 32.26 13.24 11.58
CA SER B 91 31.74 14.50 12.08
C SER B 91 32.49 14.89 13.35
N LYS B 92 32.19 16.06 13.89
CA LYS B 92 32.82 16.52 15.12
C LYS B 92 32.29 15.75 16.32
N GLU B 93 31.22 14.99 16.10
CA GLU B 93 30.62 14.18 17.17
C GLU B 93 31.56 13.06 17.60
N VAL B 94 31.40 12.62 18.84
CA VAL B 94 32.20 11.53 19.39
C VAL B 94 31.89 10.22 18.67
N ILE B 95 32.93 9.48 18.32
CA ILE B 95 32.78 8.20 17.63
C ILE B 95 32.11 7.17 18.54
N LYS B 96 31.02 6.58 18.05
CA LYS B 96 30.28 5.57 18.79
C LYS B 96 30.21 4.26 18.02
N PRO B 97 30.20 3.13 18.72
CA PRO B 97 30.09 1.84 18.05
C PRO B 97 28.75 1.62 17.37
N TYR B 98 28.77 0.99 16.19
CA TYR B 98 27.55 0.51 15.54
C TYR B 98 26.87 -0.48 16.49
N ASP B 99 25.55 -0.48 16.55
CA ASP B 99 24.88 -1.33 17.55
C ASP B 99 23.74 -2.19 17.01
N TRP B 100 23.51 -2.13 15.69
CA TRP B 100 22.51 -2.96 15.02
C TRP B 100 21.07 -2.72 15.50
N THR B 101 20.83 -1.58 16.15
CA THR B 101 19.48 -1.26 16.60
C THR B 101 18.73 -0.42 15.57
N TYR B 102 19.47 0.12 14.61
CA TYR B 102 18.94 1.03 13.59
C TYR B 102 18.25 2.24 14.22
N THR B 103 18.75 2.66 15.38
CA THR B 103 18.20 3.83 16.07
C THR B 103 18.40 5.09 15.23
N THR B 104 17.29 5.76 14.92
CA THR B 104 17.35 6.92 14.04
C THR B 104 16.57 8.11 14.59
N ASP B 105 17.17 9.29 14.52
CA ASP B 105 16.53 10.52 14.97
C ASP B 105 16.01 11.32 13.78
N TYR B 106 15.80 10.61 12.68
CA TYR B 106 15.22 11.15 11.46
C TYR B 106 13.90 11.88 11.73
N LYS B 107 13.75 13.07 11.15
CA LYS B 107 12.55 13.87 11.37
C LYS B 107 11.87 14.23 10.05
N GLY B 108 12.26 13.54 8.99
CA GLY B 108 11.69 13.79 7.67
C GLY B 108 12.65 14.46 6.71
N THR B 109 12.36 14.33 5.42
CA THR B 109 13.18 14.92 4.38
C THR B 109 12.50 16.14 3.77
N LEU B 110 13.19 17.28 3.80
CA LEU B 110 12.65 18.50 3.21
C LEU B 110 12.78 18.46 1.69
N LEU B 111 11.69 18.80 1.00
CA LEU B 111 11.66 18.74 -0.46
C LEU B 111 11.76 20.14 -1.08
N GLY B 112 12.04 20.18 -2.38
CA GLY B 112 12.12 21.43 -3.10
C GLY B 112 13.49 21.70 -3.67
N GLU B 113 13.52 22.38 -4.82
CA GLU B 113 14.79 22.76 -5.44
C GLU B 113 15.31 24.05 -4.80
N SER B 114 14.65 25.16 -5.09
CA SER B 114 15.01 26.44 -4.49
C SER B 114 14.05 26.79 -3.35
N LEU B 115 12.76 26.81 -3.66
CA LEU B 115 11.73 27.02 -2.65
C LEU B 115 11.69 25.85 -1.69
N LYS B 116 11.88 26.14 -0.40
CA LYS B 116 12.02 25.10 0.60
C LYS B 116 11.41 25.52 1.94
N LEU B 117 11.00 24.53 2.73
CA LEU B 117 10.55 24.80 4.09
C LEU B 117 11.73 25.26 4.94
N LYS B 118 11.53 26.29 5.74
CA LYS B 118 12.57 26.76 6.64
C LYS B 118 12.30 26.30 8.06
N VAL B 119 13.29 25.63 8.65
CA VAL B 119 13.16 25.09 10.00
C VAL B 119 13.66 26.08 11.05
N VAL B 120 12.74 26.58 11.87
CA VAL B 120 13.08 27.51 12.95
C VAL B 120 12.54 27.01 14.29
N PRO B 121 13.28 27.28 15.38
CA PRO B 121 12.85 26.88 16.72
C PRO B 121 11.59 27.62 17.15
N THR B 122 10.80 27.01 18.03
CA THR B 122 9.59 27.66 18.53
C THR B 122 9.29 27.38 19.99
N THR B 123 8.64 28.34 20.63
CA THR B 123 8.08 28.15 21.95
C THR B 123 6.70 27.52 21.81
N ASP B 124 6.21 27.50 20.57
CA ASP B 124 4.95 26.87 20.24
C ASP B 124 4.99 25.38 20.55
N HIS B 125 3.80 24.78 20.71
CA HIS B 125 3.67 23.35 20.88
C HIS B 125 2.41 22.90 20.16
N ILE B 126 2.39 21.65 19.71
CA ILE B 126 1.19 21.10 19.09
C ILE B 126 0.10 21.02 20.15
N ASP B 127 -0.95 21.82 19.96
CA ASP B 127 -2.05 21.88 20.92
C ASP B 127 -2.78 20.55 21.00
N THR B 128 -2.61 19.85 22.11
CA THR B 128 -3.24 18.56 22.32
C THR B 128 -4.76 18.65 22.32
N GLU B 129 -5.28 19.85 22.60
CA GLU B 129 -6.72 20.08 22.61
C GLU B 129 -7.27 20.18 21.19
N LYS B 130 -6.38 20.32 20.22
CA LYS B 130 -6.79 20.29 18.82
C LYS B 130 -6.72 18.84 18.33
N LEU B 131 -5.79 18.09 18.91
CA LEU B 131 -5.55 16.71 18.51
C LEU B 131 -6.66 15.77 18.96
N LYS B 132 -7.25 16.03 20.13
CA LYS B 132 -8.28 15.14 20.66
C LYS B 132 -9.63 15.35 20.01
N ALA B 133 -9.82 16.53 19.40
CA ALA B 133 -11.10 16.89 18.81
C ALA B 133 -11.42 16.03 17.59
N ARG B 134 -12.36 15.11 17.76
CA ARG B 134 -12.72 14.17 16.70
C ARG B 134 -13.55 14.84 15.59
N GLU B 135 -12.94 14.96 14.42
CA GLU B 135 -13.64 15.35 13.22
C GLU B 135 -13.65 14.17 12.26
N GLN B 136 -14.38 14.26 11.16
CA GLN B 136 -14.36 13.20 10.16
C GLN B 136 -12.99 13.18 9.50
N ILE B 137 -12.40 11.99 9.41
CA ILE B 137 -11.13 11.82 8.74
C ILE B 137 -11.33 11.67 7.23
N LYS B 138 -10.85 12.65 6.47
CA LYS B 138 -10.99 12.61 5.01
C LYS B 138 -10.02 11.60 4.41
N PHE B 139 -8.87 11.43 5.06
CA PHE B 139 -7.83 10.55 4.55
C PHE B 139 -6.99 10.00 5.69
N PHE B 140 -6.90 8.67 5.77
CA PHE B 140 -6.00 8.03 6.71
C PHE B 140 -5.11 7.02 5.98
N GLU B 141 -3.85 6.94 6.39
CA GLU B 141 -2.93 5.98 5.81
C GLU B 141 -1.76 5.73 6.76
N GLU B 142 -1.34 4.47 6.86
CA GLU B 142 -0.16 4.11 7.62
C GLU B 142 0.86 3.41 6.73
N VAL B 143 2.08 3.91 6.70
CA VAL B 143 3.12 3.35 5.85
C VAL B 143 4.29 2.83 6.66
N LEU B 144 4.60 1.55 6.50
CA LEU B 144 5.74 0.95 7.16
C LEU B 144 7.02 1.26 6.38
N LEU B 145 8.09 1.62 7.10
CA LEU B 145 9.34 2.01 6.45
C LEU B 145 10.41 0.92 6.60
N PHE B 146 10.63 0.48 7.84
CA PHE B 146 11.41 -0.75 8.04
C PHE B 146 11.07 -1.44 9.35
N GLU B 147 11.48 -2.70 9.44
CA GLU B 147 11.34 -3.48 10.66
C GLU B 147 12.42 -4.55 10.73
N ASP B 148 12.97 -4.74 11.93
CA ASP B 148 14.00 -5.74 12.16
C ASP B 148 13.74 -6.40 13.51
N GLU B 149 14.08 -7.68 13.63
CA GLU B 149 13.81 -8.39 14.88
C GLU B 149 15.09 -8.69 15.65
N LEU B 150 16.17 -7.99 15.29
CA LEU B 150 17.41 -7.98 16.07
C LEU B 150 17.97 -9.37 16.32
N HIS B 151 17.93 -10.22 15.30
CA HIS B 151 18.34 -11.62 15.44
C HIS B 151 17.61 -12.29 16.61
N ASP B 152 16.29 -12.13 16.62
CA ASP B 152 15.41 -12.71 17.63
CA ASP B 152 15.42 -12.72 17.63
C ASP B 152 15.77 -12.25 19.04
N HIS B 153 16.06 -10.96 19.18
CA HIS B 153 16.35 -10.39 20.49
C HIS B 153 15.38 -9.25 20.84
N GLY B 154 14.48 -8.95 19.92
CA GLY B 154 13.50 -7.90 20.13
C GLY B 154 12.94 -7.37 18.83
N VAL B 155 12.75 -6.06 18.75
CA VAL B 155 12.20 -5.45 17.55
C VAL B 155 12.72 -4.03 17.36
N SER B 156 12.98 -3.67 16.10
CA SER B 156 13.29 -2.31 15.71
C SER B 156 12.43 -1.96 14.51
N SER B 157 11.55 -0.97 14.66
CA SER B 157 10.62 -0.65 13.59
C SER B 157 10.48 0.86 13.37
N LEU B 158 10.26 1.23 12.12
CA LEU B 158 9.96 2.61 11.78
C LEU B 158 8.73 2.65 10.87
N SER B 159 7.75 3.46 11.27
CA SER B 159 6.53 3.60 10.48
C SER B 159 6.05 5.04 10.56
N VAL B 160 5.23 5.43 9.60
CA VAL B 160 4.67 6.77 9.57
C VAL B 160 3.20 6.71 9.16
N LYS B 161 2.37 7.52 9.81
CA LYS B 161 0.96 7.58 9.47
C LYS B 161 0.42 8.99 9.55
N ILE B 162 -0.74 9.22 8.93
CA ILE B 162 -1.30 10.55 8.85
C ILE B 162 -2.83 10.56 8.87
N ARG B 163 -3.38 11.50 9.63
CA ARG B 163 -4.82 11.81 9.59
C ARG B 163 -5.01 13.11 8.86
N VAL B 164 -5.85 13.12 7.83
CA VAL B 164 -6.21 14.38 7.20
C VAL B 164 -7.63 14.75 7.58
N PRO B 166 -10.87 17.91 7.83
CA PRO B 166 -11.42 18.92 6.91
C PRO B 166 -10.56 20.17 6.76
N SER B 167 -9.93 20.62 7.85
CA SER B 167 -9.13 21.84 7.77
C SER B 167 -7.78 21.71 8.50
N SER B 168 -7.26 20.49 8.58
CA SER B 168 -5.97 20.24 9.20
C SER B 168 -5.48 18.83 8.90
N PHE B 169 -4.21 18.57 9.18
CA PHE B 169 -3.71 17.20 9.18
C PHE B 169 -2.73 16.98 10.32
N PHE B 170 -2.59 15.72 10.73
CA PHE B 170 -1.65 15.35 11.77
C PHE B 170 -0.91 14.08 11.37
N LEU B 171 0.42 14.12 11.49
CA LEU B 171 1.25 13.01 11.09
C LEU B 171 2.16 12.56 12.23
N LEU B 172 2.35 11.25 12.37
CA LEU B 172 3.25 10.71 13.37
C LEU B 172 4.27 9.76 12.76
N LEU B 173 5.54 10.14 12.82
CA LEU B 173 6.64 9.25 12.49
C LEU B 173 7.18 8.64 13.77
N ARG B 174 7.18 7.32 13.84
CA ARG B 174 7.61 6.66 15.07
C ARG B 174 8.67 5.59 14.87
N PHE B 175 9.79 5.75 15.57
CA PHE B 175 10.77 4.69 15.68
C PHE B 175 10.59 3.98 17.01
N PHE B 176 10.40 2.67 16.96
CA PHE B 176 10.21 1.89 18.18
C PHE B 176 11.28 0.82 18.30
N LEU B 177 11.98 0.82 19.42
CA LEU B 177 13.01 -0.16 19.69
C LEU B 177 12.76 -0.86 21.02
N ARG B 178 12.70 -2.18 20.98
CA ARG B 178 12.69 -2.97 22.22
C ARG B 178 13.75 -4.04 22.16
N ILE B 179 14.69 -3.99 23.10
CA ILE B 179 15.59 -5.11 23.33
C ILE B 179 15.04 -5.88 24.50
N ASP B 180 14.56 -7.10 24.24
CA ASP B 180 13.88 -7.91 25.24
C ASP B 180 14.71 -8.03 26.53
N GLY B 181 14.08 -7.68 27.65
CA GLY B 181 14.72 -7.77 28.95
C GLY B 181 15.78 -6.72 29.21
N VAL B 182 15.96 -5.79 28.27
CA VAL B 182 17.01 -4.78 28.41
C VAL B 182 16.47 -3.35 28.43
N LEU B 183 15.89 -2.90 27.31
CA LEU B 183 15.43 -1.52 27.21
C LEU B 183 14.33 -1.33 26.17
N ILE B 184 13.62 -0.23 26.31
CA ILE B 184 12.67 0.22 25.30
C ILE B 184 13.01 1.66 24.92
N ARG B 185 13.03 1.94 23.63
CA ARG B 185 13.37 3.27 23.14
C ARG B 185 12.36 3.71 22.09
N ASN B 187 11.37 7.08 19.49
CA ASN B 187 11.53 8.41 18.92
C ASN B 187 10.32 8.79 18.08
N ASP B 188 9.58 9.79 18.53
CA ASP B 188 8.39 10.24 17.83
C ASP B 188 8.61 11.59 17.14
N THR B 189 8.20 11.68 15.89
CA THR B 189 8.15 12.95 15.20
C THR B 189 6.71 13.29 14.86
N ARG B 190 6.17 14.30 15.53
CA ARG B 190 4.79 14.73 15.30
C ARG B 190 4.75 15.97 14.43
N LEU B 191 3.96 15.90 13.37
CA LEU B 191 3.84 16.99 12.42
C LEU B 191 2.39 17.45 12.33
N TYR B 192 2.16 18.74 12.53
CA TYR B 192 0.80 19.28 12.57
C TYR B 192 0.67 20.55 11.74
N HIS B 193 -0.45 20.68 11.06
CA HIS B 193 -0.72 21.87 10.24
C HIS B 193 -2.20 22.21 10.20
N GLU B 194 -2.51 23.49 10.34
CA GLU B 194 -3.87 23.99 10.17
C GLU B 194 -3.99 24.72 8.85
N ALA B 195 -5.12 24.55 8.17
CA ALA B 195 -5.32 25.02 6.80
C ALA B 195 -4.93 26.47 6.56
N ASP B 196 -5.31 27.35 7.50
CA ASP B 196 -5.07 28.77 7.34
C ASP B 196 -3.59 29.15 7.51
N LYS B 197 -2.90 28.42 8.38
CA LYS B 197 -1.52 28.77 8.76
C LYS B 197 -0.53 28.67 7.60
N THR B 198 0.55 29.45 7.71
CA THR B 198 1.62 29.42 6.72
C THR B 198 2.84 28.68 7.26
N TYR B 199 2.60 27.73 8.17
CA TYR B 199 3.67 26.94 8.75
C TYR B 199 3.17 25.60 9.24
N LEU B 201 3.89 22.76 12.48
CA LEU B 201 4.57 22.51 13.74
C LEU B 201 5.15 21.10 13.74
N ARG B 202 6.44 20.97 14.02
CA ARG B 202 7.06 19.66 14.12
C ARG B 202 7.67 19.46 15.50
N GLU B 203 7.14 18.47 16.21
CA GLU B 203 7.58 18.20 17.58
C GLU B 203 8.25 16.84 17.67
N TYR B 204 9.51 16.83 18.06
CA TYR B 204 10.28 15.60 18.16
C TYR B 204 10.56 15.23 19.63
N THR B 205 10.33 13.97 19.97
CA THR B 205 10.63 13.50 21.32
C THR B 205 11.35 12.15 21.28
N SER B 206 12.39 12.03 22.10
CA SER B 206 13.09 10.77 22.25
C SER B 206 12.92 10.24 23.68
N ARG B 207 12.22 9.12 23.81
CA ARG B 207 11.98 8.51 25.11
C ARG B 207 12.75 7.21 25.22
N GLU B 208 13.12 6.85 26.44
CA GLU B 208 13.95 5.68 26.65
C GLU B 208 13.95 5.25 28.11
N SER B 209 13.93 3.94 28.35
CA SER B 209 14.06 3.42 29.70
C SER B 209 14.55 1.98 29.74
N LYS B 210 15.39 1.67 30.72
CA LYS B 210 15.74 0.28 30.97
CA LYS B 210 15.75 0.28 31.00
C LYS B 210 14.50 -0.46 31.46
N ILE B 211 14.37 -1.71 31.07
CA ILE B 211 13.20 -2.49 31.48
C ILE B 211 13.24 -2.70 33.00
N SER B 212 14.44 -2.74 33.56
CA SER B 212 14.62 -2.89 35.00
C SER B 212 14.08 -1.69 35.78
N SER B 213 13.90 -0.56 35.11
CA SER B 213 13.32 0.62 35.74
C SER B 213 11.80 0.62 35.59
N LEU B 214 11.27 -0.40 34.92
CA LEU B 214 9.84 -0.54 34.72
C LEU B 214 9.34 -1.80 35.43
N HIS B 216 7.16 -2.32 37.85
CA HIS B 216 5.74 -2.44 38.16
C HIS B 216 4.81 -2.30 36.95
N VAL B 217 5.38 -2.05 35.79
CA VAL B 217 4.58 -2.03 34.56
C VAL B 217 4.37 -3.45 34.07
N PRO B 218 3.10 -3.85 33.84
CA PRO B 218 2.83 -5.15 33.25
C PRO B 218 3.56 -5.32 31.92
N PRO B 219 4.37 -6.40 31.80
CA PRO B 219 5.21 -6.64 30.63
C PRO B 219 4.44 -6.70 29.31
N SER B 220 3.13 -6.94 29.37
CA SER B 220 2.32 -6.98 28.17
C SER B 220 2.32 -5.64 27.45
N LEU B 221 2.54 -4.56 28.20
CA LEU B 221 2.59 -3.22 27.61
C LEU B 221 3.84 -3.02 26.76
N PHE B 222 4.87 -3.83 27.00
CA PHE B 222 6.16 -3.66 26.33
C PHE B 222 6.06 -3.90 24.83
N THR B 223 4.99 -4.55 24.40
CA THR B 223 4.79 -4.83 22.99
C THR B 223 3.73 -3.92 22.38
N GLU B 224 3.33 -2.91 23.16
CA GLU B 224 2.31 -1.96 22.72
C GLU B 224 2.82 -0.53 22.85
N PRO B 225 3.42 0.00 21.76
CA PRO B 225 4.07 1.32 21.75
C PRO B 225 3.18 2.45 22.23
N ASN B 226 1.92 2.46 21.83
CA ASN B 226 0.98 3.49 22.25
C ASN B 226 0.75 3.49 23.76
N GLU B 227 0.85 2.31 24.37
CA GLU B 227 0.60 2.17 25.80
C GLU B 227 1.84 2.45 26.66
N ILE B 228 2.98 1.94 26.21
CA ILE B 228 4.20 2.01 27.02
C ILE B 228 4.87 3.39 26.95
N SER B 229 4.48 4.18 25.95
CA SER B 229 5.11 5.48 25.69
C SER B 229 5.14 6.40 26.90
N GLN B 230 4.00 6.50 27.59
CA GLN B 230 3.85 7.43 28.72
C GLN B 230 4.75 7.07 29.90
N TYR B 231 5.25 5.84 29.92
CA TYR B 231 6.06 5.38 31.07
C TYR B 231 7.55 5.50 30.78
N LEU B 232 7.88 5.95 29.58
CA LEU B 232 9.27 6.13 29.18
C LEU B 232 9.66 7.60 29.30
N PRO B 233 10.62 7.91 30.19
CA PRO B 233 11.09 9.28 30.39
C PRO B 233 11.65 9.90 29.10
N ILE B 234 11.34 11.17 28.88
CA ILE B 234 11.87 11.91 27.73
C ILE B 234 13.30 12.34 27.99
N LYS B 235 14.20 12.01 27.07
CA LYS B 235 15.60 12.38 27.21
C LYS B 235 15.99 13.46 26.21
N GLU B 236 15.13 13.67 25.22
CA GLU B 236 15.35 14.73 24.23
C GLU B 236 14.02 15.17 23.63
N ALA B 237 13.83 16.47 23.53
CA ALA B 237 12.60 17.03 22.95
C ALA B 237 12.91 18.27 22.13
N VAL B 238 12.42 18.28 20.89
CA VAL B 238 12.62 19.42 20.00
C VAL B 238 11.30 19.86 19.39
N CYS B 239 11.01 21.16 19.44
CA CYS B 239 9.81 21.71 18.83
CA CYS B 239 9.82 21.69 18.80
C CYS B 239 10.19 22.79 17.83
N GLU B 240 9.91 22.56 16.56
CA GLU B 240 10.29 23.51 15.52
C GLU B 240 9.12 23.91 14.64
N LYS B 241 9.24 25.06 13.99
CA LYS B 241 8.28 25.49 12.98
C LYS B 241 8.85 25.25 11.59
N LEU B 242 8.00 24.80 10.68
CA LEU B 242 8.41 24.66 9.28
C LEU B 242 7.72 25.76 8.48
N ILE B 243 8.42 26.86 8.28
CA ILE B 243 7.84 28.03 7.64
C ILE B 243 7.73 27.86 6.13
N PHE B 244 6.58 28.20 5.58
CA PHE B 244 6.38 28.19 4.14
C PHE B 244 7.21 29.30 3.49
N PRO B 245 7.86 28.99 2.36
CA PRO B 245 8.62 30.03 1.63
C PRO B 245 7.68 31.02 0.94
N GLU B 246 8.18 32.21 0.65
CA GLU B 246 7.38 33.25 0.00
C GLU B 246 7.04 32.87 -1.44
N LEU C 3 -2.49 10.19 -14.35
CA LEU C 3 -3.34 9.41 -13.46
C LEU C 3 -4.78 9.35 -13.96
N TYR C 4 -5.07 10.13 -15.00
CA TYR C 4 -6.41 10.16 -15.58
C TYR C 4 -6.64 8.99 -16.53
N PHE C 5 -6.56 7.77 -16.00
CA PHE C 5 -6.72 6.58 -16.82
C PHE C 5 -8.14 6.49 -17.38
N GLN C 6 -8.26 5.90 -18.56
CA GLN C 6 -9.55 5.79 -19.25
C GLN C 6 -10.09 4.37 -19.21
N GLU D 1 -6.87 0.07 15.55
CA GLU D 1 -8.32 0.21 15.44
C GLU D 1 -8.74 1.68 15.53
N ASN D 2 -8.08 2.42 16.41
CA ASN D 2 -8.39 3.83 16.58
C ASN D 2 -7.57 4.70 15.64
N LEU D 3 -8.25 5.27 14.64
CA LEU D 3 -7.58 6.06 13.61
C LEU D 3 -7.16 7.43 14.12
N TYR D 4 -7.74 7.87 15.24
CA TYR D 4 -7.47 9.21 15.75
C TYR D 4 -6.27 9.24 16.69
N PHE D 5 -5.12 8.84 16.18
CA PHE D 5 -3.91 8.76 17.00
C PHE D 5 -3.46 10.13 17.49
N GLN D 6 -2.80 10.15 18.65
CA GLN D 6 -2.33 11.39 19.26
C GLN D 6 -0.82 11.51 19.21
#